data_4FEQ
#
_entry.id   4FEQ
#
_cell.length_a   47.778
_cell.length_b   57.157
_cell.length_c   60.676
_cell.angle_alpha   90.00
_cell.angle_beta   100.69
_cell.angle_gamma   90.00
#
_symmetry.space_group_name_H-M   'P 1 21 1'
#
loop_
_entity.id
_entity.type
_entity.pdbx_description
1 polymer 'Tyrosine-protein kinase receptor TYRO3'
2 non-polymer 4-(cyclopentylamino)-N-[3-(2-oxopyrrolidin-1-yl)propyl]-2-{[2-(pyridin-4-yl)ethyl]amino}pyrimidine-5-carboxamide
3 water water
#
_entity_poly.entity_id   1
_entity_poly.type   'polypeptide(L)'
_entity_poly.pdbx_seq_one_letter_code
;MLDSLGISDELKEKLEDVLIPEQQFTLGRMLGKGEFGSVREAQLKQEDGSFVKVAVKMLKADIIASSDIEEFLREAACMK
EFDHPHVAKLVGVSLRSRAKGRLPIPMVILPFMKHGDLHAFLLASRIGENPFNLPLQTLVRFMVDIACGMEYLSSRNFIH
RDLAARNCMLAEDMTVCVADFGLSRKIYSGDYYRQGCASKLPVKWLALESLADNLYTVHSDVWAFGVTMWEIMTRGQTPY
AGIENAEIYNYLIGGNRLKQPPECMEEVYDLMYQCWSADPKQRPSFTCLRMELENILGHLSVLSTSQDPLYINIERAHHH
HHH
;
_entity_poly.pdbx_strand_id   A
#
loop_
_chem_comp.id
_chem_comp.type
_chem_comp.name
_chem_comp.formula
0T8 non-polymer 4-(cyclopentylamino)-N-[3-(2-oxopyrrolidin-1-yl)propyl]-2-{[2-(pyridin-4-yl)ethyl]amino}pyrimidine-5-carboxamide 'C24 H33 N7 O2'
#
# COMPACT_ATOMS: atom_id res chain seq x y z
N GLU A 22 -10.70 15.65 -22.14
CA GLU A 22 -11.41 16.31 -21.00
C GLU A 22 -10.48 17.23 -20.22
N GLN A 23 -11.02 18.36 -19.78
CA GLN A 23 -10.26 19.36 -19.01
C GLN A 23 -11.20 20.24 -18.17
N GLN A 24 -12.16 19.61 -17.50
CA GLN A 24 -13.10 20.32 -16.62
C GLN A 24 -12.56 20.47 -15.20
N PHE A 25 -11.23 20.52 -15.09
CA PHE A 25 -10.54 20.71 -13.81
C PHE A 25 -9.33 21.62 -13.94
N THR A 26 -9.02 22.34 -12.87
CA THR A 26 -7.98 23.35 -12.88
C THR A 26 -6.73 22.87 -12.13
N LEU A 27 -5.70 22.49 -12.89
CA LEU A 27 -4.46 21.97 -12.34
C LEU A 27 -3.78 23.01 -11.45
N GLY A 28 -3.39 22.59 -10.25
CA GLY A 28 -2.86 23.50 -9.24
C GLY A 28 -1.57 23.06 -8.60
N ARG A 29 -1.51 23.16 -7.28
CA ARG A 29 -0.31 22.95 -6.49
C ARG A 29 0.20 21.51 -6.54
N MET A 30 1.52 21.35 -6.53
CA MET A 30 2.13 20.03 -6.56
C MET A 30 2.12 19.39 -5.19
N LEU A 31 1.60 18.17 -5.12
CA LEU A 31 1.48 17.43 -3.87
C LEU A 31 2.66 16.50 -3.65
N GLY A 32 3.14 15.89 -4.74
CA GLY A 32 4.29 15.00 -4.69
C GLY A 32 4.96 14.86 -6.05
N LYS A 33 6.24 14.46 -6.04
CA LYS A 33 7.02 14.30 -7.27
C LYS A 33 7.76 12.96 -7.30
N GLY A 37 7.27 10.58 -11.95
CA GLY A 37 5.97 10.57 -11.27
C GLY A 37 5.59 11.94 -10.74
N SER A 38 4.35 12.35 -11.02
CA SER A 38 3.86 13.67 -10.62
C SER A 38 2.40 13.59 -10.16
N VAL A 39 2.14 14.07 -8.94
CA VAL A 39 0.77 14.18 -8.43
C VAL A 39 0.48 15.63 -8.01
N ARG A 40 -0.64 16.15 -8.52
CA ARG A 40 -0.96 17.56 -8.40
C ARG A 40 -2.42 17.72 -7.95
N GLU A 41 -2.68 18.72 -7.11
CA GLU A 41 -4.07 19.01 -6.70
C GLU A 41 -4.83 19.75 -7.80
N ALA A 42 -6.12 19.48 -7.92
CA ALA A 42 -6.94 20.09 -8.96
C ALA A 42 -8.38 20.30 -8.48
N GLN A 43 -9.15 21.08 -9.25
CA GLN A 43 -10.53 21.39 -8.90
C GLN A 43 -11.50 20.93 -9.99
N LEU A 44 -12.09 19.75 -9.78
CA LEU A 44 -13.08 19.19 -10.70
C LEU A 44 -14.43 19.91 -10.58
N LYS A 45 -15.16 20.00 -11.69
CA LYS A 45 -16.48 20.64 -11.71
C LYS A 45 -17.58 19.62 -11.49
N ASP A 48 -22.11 20.01 -12.79
CA ASP A 48 -23.54 20.04 -12.45
C ASP A 48 -23.84 20.92 -11.24
N GLY A 49 -22.89 20.98 -10.30
CA GLY A 49 -23.04 21.78 -9.09
C GLY A 49 -21.93 22.80 -8.92
N SER A 50 -21.15 22.64 -7.85
CA SER A 50 -20.07 23.56 -7.52
C SER A 50 -18.70 22.98 -7.94
N PHE A 51 -17.72 23.08 -7.05
CA PHE A 51 -16.35 22.64 -7.35
C PHE A 51 -15.79 21.67 -6.28
N VAL A 52 -15.33 20.51 -6.74
CA VAL A 52 -14.76 19.48 -5.85
C VAL A 52 -13.25 19.39 -6.02
N LYS A 53 -12.52 19.39 -4.91
CA LYS A 53 -11.06 19.26 -4.95
C LYS A 53 -10.66 17.79 -5.14
N VAL A 54 -9.81 17.53 -6.13
CA VAL A 54 -9.32 16.18 -6.42
C VAL A 54 -7.79 16.16 -6.46
N ALA A 55 -7.24 14.98 -6.74
CA ALA A 55 -5.80 14.85 -7.01
C ALA A 55 -5.61 14.18 -8.37
N VAL A 56 -4.68 14.72 -9.17
CA VAL A 56 -4.44 14.26 -10.52
C VAL A 56 -3.02 13.73 -10.69
N LYS A 57 -2.92 12.45 -11.04
CA LYS A 57 -1.62 11.83 -11.28
C LYS A 57 -1.27 11.99 -12.75
N MET A 58 -0.20 12.77 -13.00
CA MET A 58 0.23 13.05 -14.38
C MET A 58 1.32 12.10 -14.83
N LEU A 59 1.10 11.51 -16.00
CA LEU A 59 2.04 10.55 -16.59
C LEU A 59 2.70 11.15 -17.82
N PHE A 72 -4.92 1.82 -21.48
CA PHE A 72 -5.12 2.75 -20.39
C PHE A 72 -6.60 2.90 -20.04
N LEU A 73 -7.41 3.23 -21.03
CA LEU A 73 -8.83 3.51 -20.82
C LEU A 73 -9.65 2.23 -20.62
N ARG A 74 -9.11 1.12 -21.14
CA ARG A 74 -9.72 -0.21 -20.99
C ARG A 74 -9.66 -0.64 -19.52
N GLU A 75 -8.49 -0.43 -18.91
CA GLU A 75 -8.23 -0.86 -17.55
C GLU A 75 -8.86 0.09 -16.53
N ALA A 76 -8.99 1.36 -16.90
CA ALA A 76 -9.67 2.36 -16.07
C ALA A 76 -11.17 2.11 -16.02
N ALA A 77 -11.69 1.43 -17.04
CA ALA A 77 -13.09 1.02 -17.07
C ALA A 77 -13.33 -0.14 -16.10
N CYS A 78 -12.30 -0.95 -15.89
CA CYS A 78 -12.36 -2.04 -14.92
C CYS A 78 -12.21 -1.52 -13.49
N MET A 79 -11.34 -0.53 -13.32
CA MET A 79 -11.00 -0.02 -11.99
C MET A 79 -12.06 0.92 -11.43
N LYS A 80 -12.89 1.47 -12.32
CA LYS A 80 -13.99 2.37 -11.96
C LYS A 80 -15.07 1.64 -11.18
N GLU A 81 -15.18 0.34 -11.42
CA GLU A 81 -16.19 -0.49 -10.76
C GLU A 81 -15.89 -0.82 -9.30
N PHE A 82 -14.62 -0.71 -8.91
CA PHE A 82 -14.19 -1.00 -7.54
C PHE A 82 -14.87 -0.07 -6.53
N ASP A 83 -15.34 -0.63 -5.43
CA ASP A 83 -15.97 0.13 -4.36
C ASP A 83 -15.80 -0.60 -3.04
N HIS A 84 -15.07 0.02 -2.12
CA HIS A 84 -14.75 -0.56 -0.82
C HIS A 84 -14.24 0.55 0.10
N PRO A 85 -14.61 0.51 1.40
CA PRO A 85 -14.18 1.58 2.32
C PRO A 85 -12.67 1.69 2.52
N HIS A 86 -11.92 0.67 2.11
CA HIS A 86 -10.47 0.63 2.25
C HIS A 86 -9.67 0.58 0.93
N VAL A 87 -10.36 0.89 -0.17
CA VAL A 87 -9.71 1.13 -1.45
C VAL A 87 -10.06 2.54 -1.89
N ALA A 88 -9.06 3.32 -2.30
CA ALA A 88 -9.29 4.68 -2.79
C ALA A 88 -10.05 4.62 -4.11
N LYS A 89 -11.15 5.35 -4.19
CA LYS A 89 -12.03 5.32 -5.35
C LYS A 89 -11.37 5.93 -6.57
N LEU A 90 -11.81 5.52 -7.75
CA LEU A 90 -11.40 6.17 -8.98
C LEU A 90 -12.46 7.20 -9.32
N VAL A 91 -12.04 8.46 -9.43
CA VAL A 91 -12.94 9.54 -9.85
C VAL A 91 -13.03 9.53 -11.38
N GLY A 92 -11.92 9.18 -12.02
CA GLY A 92 -11.90 9.00 -13.47
C GLY A 92 -10.52 9.10 -14.05
N VAL A 93 -10.46 9.26 -15.37
CA VAL A 93 -9.20 9.44 -16.10
C VAL A 93 -9.34 10.51 -17.19
N SER A 94 -8.20 11.05 -17.61
CA SER A 94 -8.14 12.01 -18.72
C SER A 94 -6.77 11.96 -19.40
N PRO A 106 -1.41 11.17 -20.53
CA PRO A 106 -2.71 11.03 -19.86
C PRO A 106 -2.58 11.10 -18.33
N MET A 107 -3.71 11.29 -17.67
CA MET A 107 -3.72 11.45 -16.20
C MET A 107 -4.87 10.76 -15.46
N VAL A 108 -4.61 10.41 -14.20
CA VAL A 108 -5.56 9.68 -13.35
C VAL A 108 -6.16 10.60 -12.28
N ILE A 109 -7.49 10.62 -12.20
CA ILE A 109 -8.17 11.49 -11.24
C ILE A 109 -8.65 10.71 -9.99
N LEU A 110 -8.05 11.02 -8.85
CA LEU A 110 -8.39 10.39 -7.57
C LEU A 110 -8.93 11.39 -6.54
N PRO A 111 -9.66 10.89 -5.50
CA PRO A 111 -10.12 11.77 -4.43
C PRO A 111 -8.99 12.53 -3.76
N PHE A 112 -9.24 13.78 -3.38
CA PHE A 112 -8.25 14.52 -2.60
C PHE A 112 -8.36 14.08 -1.14
N MET A 113 -7.21 13.83 -0.53
CA MET A 113 -7.17 13.32 0.84
C MET A 113 -6.18 14.11 1.68
N LYS A 114 -6.74 14.95 2.55
CA LYS A 114 -6.00 16.01 3.26
C LYS A 114 -4.94 15.48 4.23
N HIS A 115 -5.15 14.29 4.78
CA HIS A 115 -4.19 13.76 5.76
C HIS A 115 -2.97 13.10 5.09
N GLY A 116 -3.00 13.03 3.76
CA GLY A 116 -1.88 12.50 2.94
C GLY A 116 -1.63 11.00 3.06
N ASP A 117 -0.41 10.59 2.71
CA ASP A 117 -0.08 9.17 2.63
C ASP A 117 0.44 8.62 3.94
N LEU A 118 0.23 7.31 4.12
CA LEU A 118 0.60 6.64 5.36
C LEU A 118 2.07 6.81 5.71
N HIS A 119 2.92 6.79 4.68
CA HIS A 119 4.36 6.79 4.91
C HIS A 119 4.85 8.10 5.53
N ALA A 120 4.43 9.24 4.97
CA ALA A 120 4.72 10.54 5.59
C ALA A 120 4.19 10.61 7.05
N PHE A 121 2.95 10.17 7.26
CA PHE A 121 2.34 10.17 8.60
C PHE A 121 3.19 9.40 9.60
N LEU A 122 3.65 8.22 9.22
CA LEU A 122 4.54 7.44 10.08
C LEU A 122 5.83 8.18 10.37
N LEU A 123 6.39 8.80 9.34
CA LEU A 123 7.63 9.56 9.46
C LEU A 123 7.41 10.81 10.34
N ALA A 124 6.34 11.55 10.07
CA ALA A 124 5.94 12.72 10.85
C ALA A 124 5.88 12.46 12.35
N SER A 125 5.33 11.32 12.74
CA SER A 125 5.22 10.94 14.14
C SER A 125 6.59 10.75 14.83
N ARG A 126 7.59 10.37 14.04
CA ARG A 126 8.86 9.85 14.55
C ARG A 126 9.96 10.92 14.57
N ILE A 127 9.83 11.92 13.70
CA ILE A 127 10.81 13.01 13.63
C ILE A 127 10.15 14.40 13.64
N PRO A 135 0.96 4.22 19.19
CA PRO A 135 0.48 3.09 19.99
C PRO A 135 0.24 1.85 19.13
N LEU A 136 0.76 0.71 19.58
CA LEU A 136 0.63 -0.55 18.85
C LEU A 136 -0.78 -0.79 18.31
N GLN A 137 -1.79 -0.38 19.09
CA GLN A 137 -3.20 -0.52 18.73
C GLN A 137 -3.54 0.20 17.43
N THR A 138 -2.96 1.39 17.26
CA THR A 138 -3.20 2.22 16.10
C THR A 138 -2.46 1.64 14.90
N LEU A 139 -1.23 1.20 15.15
CA LEU A 139 -0.38 0.56 14.14
C LEU A 139 -1.00 -0.72 13.59
N VAL A 140 -1.48 -1.58 14.48
CA VAL A 140 -2.20 -2.79 14.09
C VAL A 140 -3.51 -2.50 13.33
N ARG A 141 -4.20 -1.42 13.68
CA ARG A 141 -5.43 -1.06 12.94
C ARG A 141 -5.14 -0.57 11.51
N PHE A 142 -4.01 0.13 11.33
CA PHE A 142 -3.55 0.51 10.00
C PHE A 142 -3.41 -0.73 9.12
N MET A 143 -2.81 -1.78 9.69
CA MET A 143 -2.56 -3.05 8.99
C MET A 143 -3.86 -3.76 8.63
N VAL A 144 -4.79 -3.78 9.58
CA VAL A 144 -6.14 -4.34 9.36
C VAL A 144 -6.84 -3.67 8.18
N ASP A 145 -6.83 -2.34 8.18
CA ASP A 145 -7.36 -1.53 7.09
C ASP A 145 -6.79 -1.84 5.70
N ILE A 146 -5.48 -2.05 5.63
CA ILE A 146 -4.80 -2.32 4.34
C ILE A 146 -5.18 -3.72 3.87
N ALA A 147 -5.14 -4.68 4.80
CA ALA A 147 -5.61 -6.05 4.59
C ALA A 147 -7.06 -6.16 4.10
N CYS A 148 -7.99 -5.37 4.66
CA CYS A 148 -9.38 -5.34 4.14
C CYS A 148 -9.42 -4.86 2.69
N GLY A 149 -8.70 -3.79 2.41
CA GLY A 149 -8.64 -3.25 1.06
C GLY A 149 -8.06 -4.25 0.10
N MET A 150 -6.99 -4.93 0.52
CA MET A 150 -6.27 -5.88 -0.31
C MET A 150 -7.08 -7.16 -0.51
N GLU A 151 -7.61 -7.73 0.59
CA GLU A 151 -8.60 -8.83 0.50
C GLU A 151 -9.68 -8.55 -0.54
N TYR A 152 -10.22 -7.33 -0.55
CA TYR A 152 -11.22 -6.97 -1.55
C TYR A 152 -10.69 -6.99 -2.99
N LEU A 153 -9.51 -6.40 -3.21
CA LEU A 153 -8.96 -6.26 -4.55
C LEU A 153 -8.56 -7.61 -5.16
N SER A 154 -7.89 -8.44 -4.37
CA SER A 154 -7.53 -9.79 -4.81
C SER A 154 -8.77 -10.70 -4.98
N SER A 155 -9.87 -10.36 -4.32
CA SER A 155 -11.13 -11.09 -4.52
C SER A 155 -11.74 -10.70 -5.87
N ARG A 156 -11.36 -9.53 -6.37
CA ARG A 156 -11.80 -9.11 -7.68
C ARG A 156 -10.72 -9.44 -8.73
N ASN A 157 -9.78 -10.32 -8.36
CA ASN A 157 -8.70 -10.78 -9.24
C ASN A 157 -7.65 -9.72 -9.59
N PHE A 158 -7.58 -8.68 -8.77
CA PHE A 158 -6.71 -7.53 -9.05
C PHE A 158 -5.38 -7.72 -8.35
N ILE A 159 -4.31 -7.70 -9.15
CA ILE A 159 -2.96 -7.81 -8.64
C ILE A 159 -2.34 -6.41 -8.64
N HIS A 160 -1.90 -5.94 -7.49
CA HIS A 160 -1.60 -4.53 -7.31
C HIS A 160 -0.23 -4.18 -7.88
N ARG A 161 0.78 -4.96 -7.50
CA ARG A 161 2.16 -4.85 -7.98
C ARG A 161 3.04 -3.83 -7.25
N ASP A 162 2.42 -2.81 -6.66
CA ASP A 162 3.15 -1.67 -6.07
C ASP A 162 2.62 -1.28 -4.68
N LEU A 163 2.42 -2.25 -3.81
CA LEU A 163 1.95 -1.96 -2.47
C LEU A 163 3.09 -1.54 -1.56
N ALA A 164 2.89 -0.42 -0.86
CA ALA A 164 3.89 0.18 -0.01
C ALA A 164 3.11 1.19 0.85
N ALA A 165 3.67 1.64 1.97
CA ALA A 165 3.06 2.71 2.80
C ALA A 165 2.78 4.00 2.04
N ARG A 166 3.64 4.34 1.06
CA ARG A 166 3.50 5.57 0.25
C ARG A 166 2.24 5.52 -0.60
N ASN A 167 1.82 4.30 -0.93
CA ASN A 167 0.64 4.07 -1.75
C ASN A 167 -0.64 3.80 -0.93
N CYS A 168 -0.52 3.98 0.40
CA CYS A 168 -1.67 3.89 1.30
C CYS A 168 -2.04 5.30 1.78
N MET A 169 -3.32 5.62 1.74
CA MET A 169 -3.77 6.98 1.96
C MET A 169 -4.63 7.08 3.22
N LEU A 170 -4.43 8.17 3.97
CA LEU A 170 -5.29 8.46 5.12
C LEU A 170 -6.53 9.24 4.72
N ALA A 171 -7.68 8.63 4.99
CA ALA A 171 -8.96 9.27 4.74
C ALA A 171 -9.26 10.33 5.81
N GLU A 172 -10.38 11.01 5.64
CA GLU A 172 -10.86 12.02 6.57
C GLU A 172 -11.08 11.46 7.98
N ASP A 173 -11.66 10.26 8.08
CA ASP A 173 -11.89 9.59 9.37
C ASP A 173 -10.66 8.84 9.89
N MET A 174 -9.49 9.14 9.30
CA MET A 174 -8.21 8.50 9.63
C MET A 174 -8.18 6.98 9.44
N THR A 175 -9.06 6.46 8.61
CA THR A 175 -8.91 5.09 8.14
C THR A 175 -7.94 5.11 6.95
N VAL A 176 -7.27 3.98 6.73
CA VAL A 176 -6.32 3.83 5.64
C VAL A 176 -6.93 3.11 4.45
N CYS A 177 -6.80 3.70 3.28
CA CYS A 177 -7.22 3.06 2.05
C CYS A 177 -6.03 2.79 1.12
N VAL A 178 -6.10 1.65 0.43
CA VAL A 178 -5.12 1.28 -0.60
C VAL A 178 -5.37 2.12 -1.84
N ALA A 179 -4.33 2.78 -2.33
CA ALA A 179 -4.41 3.57 -3.56
C ALA A 179 -3.47 3.08 -4.64
N ASP A 180 -3.62 3.64 -5.83
CA ASP A 180 -2.73 3.41 -6.96
C ASP A 180 -3.02 2.10 -7.70
N PHE A 181 -3.93 2.15 -8.66
CA PHE A 181 -4.27 0.98 -9.47
C PHE A 181 -3.22 0.57 -10.52
N GLY A 182 -2.19 1.40 -10.73
CA GLY A 182 -1.08 1.09 -11.64
C GLY A 182 -1.32 1.46 -13.09
N VAL A 203 12.50 -2.07 -5.64
CA VAL A 203 12.88 -3.47 -5.56
C VAL A 203 12.76 -3.92 -4.11
N LYS A 204 12.67 -2.95 -3.20
CA LYS A 204 12.60 -3.27 -1.77
C LYS A 204 11.25 -3.85 -1.27
N TRP A 205 10.19 -3.70 -2.06
CA TRP A 205 8.89 -4.35 -1.72
C TRP A 205 8.60 -5.63 -2.55
N LEU A 206 9.56 -6.04 -3.39
CA LEU A 206 9.35 -7.11 -4.39
C LEU A 206 9.79 -8.48 -3.93
N ALA A 207 8.90 -9.45 -4.12
CA ALA A 207 9.18 -10.84 -3.78
C ALA A 207 10.34 -11.35 -4.65
N LEU A 208 11.04 -12.37 -4.17
CA LEU A 208 12.10 -13.06 -4.93
C LEU A 208 11.73 -13.44 -6.35
N GLU A 209 10.49 -13.90 -6.56
CA GLU A 209 10.06 -14.36 -7.90
C GLU A 209 9.59 -13.20 -8.76
N SER A 210 9.28 -12.09 -8.11
CA SER A 210 9.01 -10.86 -8.82
C SER A 210 10.33 -10.33 -9.33
N LEU A 211 11.37 -10.45 -8.51
CA LEU A 211 12.71 -10.07 -8.90
C LEU A 211 13.36 -11.01 -9.94
N ALA A 212 13.34 -12.32 -9.66
CA ALA A 212 13.98 -13.31 -10.52
C ALA A 212 13.18 -13.61 -11.79
N ASP A 213 11.86 -13.72 -11.67
CA ASP A 213 11.06 -14.13 -12.83
C ASP A 213 10.04 -13.12 -13.37
N ASN A 214 10.02 -11.91 -12.82
CA ASN A 214 8.95 -10.96 -13.13
C ASN A 214 7.55 -11.58 -13.02
N LEU A 215 7.40 -12.44 -12.01
CA LEU A 215 6.11 -13.03 -11.65
C LEU A 215 5.43 -12.14 -10.61
N TYR A 216 4.24 -11.62 -10.94
CA TYR A 216 3.44 -10.82 -10.03
C TYR A 216 2.09 -11.47 -9.78
N THR A 217 1.84 -11.82 -8.51
CA THR A 217 0.62 -12.53 -8.12
C THR A 217 0.09 -11.98 -6.80
N VAL A 218 -0.98 -12.59 -6.32
CA VAL A 218 -1.52 -12.25 -5.03
C VAL A 218 -0.45 -12.50 -3.98
N HIS A 219 0.38 -13.52 -4.19
CA HIS A 219 1.44 -13.89 -3.25
C HIS A 219 2.59 -12.85 -3.19
N SER A 220 2.81 -12.14 -4.29
CA SER A 220 3.85 -11.13 -4.28
C SER A 220 3.23 -9.86 -3.75
N ASP A 221 1.90 -9.72 -3.91
CA ASP A 221 1.15 -8.68 -3.18
C ASP A 221 1.18 -8.86 -1.68
N VAL A 222 1.22 -10.11 -1.22
CA VAL A 222 1.31 -10.38 0.22
C VAL A 222 2.71 -10.13 0.75
N TRP A 223 3.72 -10.47 -0.04
CA TRP A 223 5.09 -10.10 0.28
C TRP A 223 5.22 -8.58 0.54
N ALA A 224 4.74 -7.78 -0.42
CA ALA A 224 4.72 -6.30 -0.32
C ALA A 224 3.93 -5.75 0.90
N PHE A 225 2.83 -6.44 1.21
CA PHE A 225 2.05 -6.17 2.42
C PHE A 225 2.91 -6.39 3.64
N GLY A 226 3.72 -7.43 3.63
CA GLY A 226 4.59 -7.77 4.77
C GLY A 226 5.68 -6.72 4.99
N VAL A 227 6.16 -6.13 3.90
CA VAL A 227 7.16 -5.05 3.97
C VAL A 227 6.49 -3.78 4.50
N THR A 228 5.27 -3.51 4.00
CA THR A 228 4.40 -2.45 4.50
C THR A 228 4.11 -2.61 6.00
N MET A 229 3.77 -3.82 6.43
CA MET A 229 3.67 -4.10 7.85
C MET A 229 4.92 -3.69 8.61
N TRP A 230 6.09 -4.05 8.07
CA TRP A 230 7.39 -3.69 8.66
C TRP A 230 7.60 -2.17 8.71
N GLU A 231 7.25 -1.47 7.62
CA GLU A 231 7.28 0.00 7.55
C GLU A 231 6.42 0.65 8.66
N ILE A 232 5.24 0.09 8.88
CA ILE A 232 4.34 0.61 9.91
C ILE A 232 5.00 0.47 11.29
N MET A 233 5.57 -0.70 11.54
CA MET A 233 6.16 -1.05 12.82
C MET A 233 7.43 -0.26 13.13
N THR A 234 8.15 0.15 12.09
CA THR A 234 9.36 0.93 12.28
C THR A 234 9.08 2.40 12.11
N ARG A 235 7.81 2.73 11.85
CA ARG A 235 7.35 4.11 11.69
C ARG A 235 8.03 4.86 10.55
N GLY A 236 8.03 4.24 9.38
CA GLY A 236 8.49 4.89 8.14
C GLY A 236 9.93 4.67 7.71
N GLN A 237 10.63 3.73 8.33
CA GLN A 237 12.04 3.46 7.98
C GLN A 237 12.18 2.86 6.57
N THR A 238 13.27 3.17 5.88
CA THR A 238 13.58 2.56 4.58
C THR A 238 13.98 1.09 4.80
N PRO A 239 13.31 0.15 4.10
CA PRO A 239 13.66 -1.27 4.31
C PRO A 239 15.06 -1.54 3.77
N TYR A 240 15.82 -2.41 4.45
CA TYR A 240 17.19 -2.73 4.06
C TYR A 240 17.99 -1.44 3.85
N ALA A 241 17.95 -0.56 4.85
CA ALA A 241 18.54 0.78 4.73
C ALA A 241 20.04 0.75 4.42
N GLY A 242 20.76 -0.19 5.04
CA GLY A 242 22.20 -0.33 4.80
C GLY A 242 22.58 -1.15 3.59
N ILE A 243 21.63 -1.31 2.65
CA ILE A 243 21.81 -2.19 1.50
C ILE A 243 21.29 -1.53 0.21
N GLU A 244 22.09 -1.61 -0.85
CA GLU A 244 21.74 -1.04 -2.16
C GLU A 244 20.74 -1.92 -2.90
N ASN A 245 19.90 -1.29 -3.72
CA ASN A 245 18.91 -1.98 -4.55
C ASN A 245 19.49 -3.14 -5.36
N ALA A 246 20.66 -2.90 -5.95
CA ALA A 246 21.38 -3.90 -6.75
C ALA A 246 21.82 -5.13 -5.94
N GLU A 247 21.79 -5.03 -4.62
CA GLU A 247 22.23 -6.13 -3.75
C GLU A 247 21.07 -6.84 -3.04
N ILE A 248 19.85 -6.37 -3.30
CA ILE A 248 18.64 -6.88 -2.62
C ILE A 248 18.37 -8.35 -2.93
N TYR A 249 18.38 -8.70 -4.22
CA TYR A 249 18.21 -10.11 -4.63
C TYR A 249 19.18 -11.02 -3.90
N ASN A 250 20.46 -10.65 -3.94
CA ASN A 250 21.50 -11.44 -3.30
C ASN A 250 21.32 -11.58 -1.81
N TYR A 251 20.90 -10.49 -1.16
CA TYR A 251 20.59 -10.50 0.27
C TYR A 251 19.48 -11.50 0.61
N LEU A 252 18.39 -11.45 -0.16
CA LEU A 252 17.19 -12.29 0.11
C LEU A 252 17.42 -13.76 -0.18
N ILE A 253 18.04 -14.08 -1.31
CA ILE A 253 18.34 -15.46 -1.70
C ILE A 253 19.09 -16.22 -0.61
N GLY A 254 19.99 -15.52 0.08
CA GLY A 254 20.74 -16.08 1.20
C GLY A 254 19.89 -16.39 2.43
N GLY A 255 18.58 -16.14 2.33
CA GLY A 255 17.66 -16.45 3.42
C GLY A 255 17.55 -15.36 4.47
N ASN A 256 18.15 -14.21 4.17
CA ASN A 256 18.08 -13.03 5.04
C ASN A 256 16.83 -12.23 4.74
N ARG A 257 16.23 -11.67 5.79
CA ARG A 257 15.01 -10.87 5.66
C ARG A 257 15.16 -9.52 6.37
N LEU A 258 14.06 -8.78 6.44
CA LEU A 258 13.96 -7.60 7.30
C LEU A 258 13.94 -8.05 8.76
N LYS A 259 14.78 -7.42 9.57
CA LYS A 259 14.91 -7.81 10.97
C LYS A 259 13.78 -7.27 11.83
N GLN A 260 13.47 -7.99 12.92
CA GLN A 260 12.42 -7.59 13.84
C GLN A 260 12.77 -6.30 14.52
N PRO A 261 11.93 -5.27 14.38
CA PRO A 261 12.19 -3.99 15.01
C PRO A 261 12.26 -4.19 16.54
N PRO A 262 13.04 -3.36 17.24
CA PRO A 262 12.98 -3.42 18.71
C PRO A 262 11.58 -3.03 19.19
N GLU A 263 11.12 -3.73 20.23
CA GLU A 263 9.79 -3.49 20.83
C GLU A 263 8.64 -3.83 19.88
N CYS A 264 8.94 -4.56 18.81
CA CYS A 264 7.91 -5.13 17.95
C CYS A 264 7.37 -6.41 18.57
N MET A 265 6.04 -6.48 18.65
CA MET A 265 5.35 -7.67 19.17
C MET A 265 5.69 -8.90 18.35
N GLU A 266 6.17 -9.95 19.03
CA GLU A 266 6.51 -11.22 18.40
C GLU A 266 5.44 -11.70 17.42
N GLU A 267 4.17 -11.65 17.84
CA GLU A 267 3.04 -12.07 17.02
C GLU A 267 2.91 -11.27 15.72
N VAL A 268 3.25 -9.98 15.79
CA VAL A 268 3.22 -9.10 14.62
C VAL A 268 4.35 -9.46 13.66
N TYR A 269 5.56 -9.65 14.18
CA TYR A 269 6.72 -9.99 13.35
C TYR A 269 6.62 -11.40 12.76
N ASP A 270 6.00 -12.33 13.49
CA ASP A 270 5.82 -13.70 13.02
C ASP A 270 4.99 -13.72 11.74
N LEU A 271 3.88 -12.97 11.76
CA LEU A 271 2.95 -12.88 10.63
C LEU A 271 3.59 -12.17 9.44
N MET A 272 4.42 -11.19 9.74
CA MET A 272 5.15 -10.41 8.77
C MET A 272 6.23 -11.25 8.10
N TYR A 273 6.92 -12.05 8.92
CA TYR A 273 7.94 -12.98 8.44
C TYR A 273 7.32 -14.02 7.51
N GLN A 274 6.09 -14.46 7.82
CA GLN A 274 5.37 -15.42 6.99
C GLN A 274 5.11 -14.89 5.58
N CYS A 275 4.99 -13.57 5.45
CA CYS A 275 4.73 -12.93 4.16
C CYS A 275 5.92 -13.03 3.23
N TRP A 276 7.09 -13.35 3.78
CA TRP A 276 8.34 -13.35 3.01
C TRP A 276 8.92 -14.74 2.78
N SER A 277 8.08 -15.77 2.82
CA SER A 277 8.52 -17.12 2.50
C SER A 277 8.95 -17.13 1.04
N ALA A 278 10.10 -17.76 0.76
CA ALA A 278 10.53 -18.00 -0.62
C ALA A 278 9.45 -18.75 -1.40
N ASP A 279 8.84 -19.74 -0.77
CA ASP A 279 7.72 -20.48 -1.38
C ASP A 279 6.46 -19.61 -1.30
N PRO A 280 5.95 -19.14 -2.44
CA PRO A 280 4.81 -18.21 -2.48
C PRO A 280 3.50 -18.81 -1.95
N LYS A 281 3.39 -20.13 -1.95
CA LYS A 281 2.19 -20.82 -1.47
C LYS A 281 2.17 -20.89 0.05
N GLN A 282 3.34 -20.78 0.67
CA GLN A 282 3.44 -20.75 2.13
C GLN A 282 3.12 -19.39 2.77
N ARG A 283 2.77 -18.41 1.95
CA ARG A 283 2.44 -17.09 2.46
C ARG A 283 0.94 -17.04 2.74
N PRO A 284 0.55 -16.39 3.85
CA PRO A 284 -0.87 -16.33 4.18
C PRO A 284 -1.62 -15.53 3.13
N SER A 285 -2.92 -15.78 3.01
CA SER A 285 -3.77 -14.99 2.14
C SER A 285 -4.07 -13.68 2.85
N PHE A 286 -4.69 -12.74 2.14
CA PHE A 286 -5.12 -11.49 2.76
C PHE A 286 -6.29 -11.72 3.71
N THR A 287 -7.05 -12.79 3.48
CA THR A 287 -8.17 -13.15 4.37
C THR A 287 -7.54 -13.63 5.65
N CYS A 288 -6.57 -14.52 5.51
CA CYS A 288 -5.81 -15.04 6.63
C CYS A 288 -5.13 -13.94 7.44
N LEU A 289 -4.46 -13.01 6.75
CA LEU A 289 -3.80 -11.88 7.42
C LEU A 289 -4.78 -10.98 8.15
N ARG A 290 -5.90 -10.67 7.50
CA ARG A 290 -6.92 -9.83 8.10
C ARG A 290 -7.45 -10.47 9.39
N MET A 291 -7.73 -11.76 9.33
CA MET A 291 -8.25 -12.52 10.48
C MET A 291 -7.25 -12.55 11.62
N GLU A 292 -5.99 -12.84 11.29
CA GLU A 292 -4.95 -12.98 12.29
C GLU A 292 -4.46 -11.66 12.85
N LEU A 293 -4.61 -10.58 12.09
CA LEU A 293 -4.43 -9.21 12.59
C LEU A 293 -5.64 -8.74 13.39
N GLU A 294 -6.84 -9.12 12.96
CA GLU A 294 -8.08 -8.82 13.70
C GLU A 294 -8.14 -9.54 15.04
N ASN A 295 -7.62 -10.78 15.07
CA ASN A 295 -7.49 -11.51 16.32
C ASN A 295 -6.59 -10.79 17.30
N ILE A 296 -5.42 -10.35 16.83
CA ILE A 296 -4.46 -9.60 17.64
C ILE A 296 -5.12 -8.34 18.20
N LEU A 297 -5.93 -7.69 17.36
CA LEU A 297 -6.59 -6.44 17.70
C LEU A 297 -7.60 -6.61 18.84
N GLY A 298 -8.12 -7.82 19.00
CA GLY A 298 -9.03 -8.16 20.09
C GLY A 298 -8.31 -8.49 21.39
N HIS A 299 -7.05 -8.91 21.28
CA HIS A 299 -6.20 -9.15 22.46
C HIS A 299 -5.39 -7.89 22.78
N LEU A 300 -6.12 -6.78 22.98
CA LEU A 300 -5.50 -5.49 23.27
C LEU A 300 -5.12 -5.38 24.75
N1 0T8 B . -2.69 12.45 -2.77
N3 0T8 B . -4.62 13.60 -2.13
C4 0T8 B . -1.73 15.19 -0.35
C5 0T8 B . -4.03 12.62 -2.84
C6 0T8 B . 0.01 12.11 -2.93
C7 0T8 B . 1.27 12.71 -3.55
C8 0T8 B . 0.45 10.84 -2.23
C10 0T8 B . -4.33 10.45 -3.94
C13 0T8 B . -0.95 16.21 2.58
C15 0T8 B . -0.23 17.35 3.30
C20 0T8 B . 0.24 18.00 5.65
C21 0T8 B . -0.57 15.80 5.27
C22 0T8 B . -2.42 7.18 -6.95
C24 0T8 B . 0.31 17.40 7.04
C26 0T8 B . -0.36 15.94 6.84
O25 0T8 B . 0.55 19.16 5.41
N6 0T8 B . -0.17 17.10 4.75
C9 0T8 B . -1.98 16.80 1.63
N4 0T8 B . -2.40 15.82 0.63
O1 0T8 B . -0.53 15.35 -0.53
C2 0T8 B . -2.51 14.27 -1.24
C1 0T8 B . -1.91 13.24 -1.99
N2 0T8 B . -0.58 13.03 -1.96
C12 0T8 B . 1.93 10.98 -1.95
C11 0T8 B . 2.47 12.02 -2.91
C3 0T8 B . -3.88 14.41 -1.35
N5 0T8 B . -4.78 11.81 -3.61
C14 0T8 B . -3.80 10.37 -5.37
C16 0T8 B . -2.90 9.17 -5.66
C19 0T8 B . -1.69 8.98 -4.98
C23 0T8 B . -0.90 7.88 -5.31
N7 0T8 B . -1.28 7.02 -6.27
C18 0T8 B . -3.25 8.27 -6.66
#